data_6E1A
#
_entry.id   6E1A
#
_cell.length_a   154.210
_cell.length_b   154.210
_cell.length_c   82.620
_cell.angle_alpha   90.000
_cell.angle_beta   90.000
_cell.angle_gamma   90.000
#
_symmetry.space_group_name_H-M   'I 41'
#
loop_
_entity.id
_entity.type
_entity.pdbx_description
1 polymer Menin
2 non-polymer '(1S,2R)-2-[(4S)-2-methyl-4-{1-[(1-{4-[(pyridin-4-yl)sulfonyl]phenyl}azetidin-3-yl)methyl]piperidin-4-yl}-1,2,3,4-tetrahydroisoquinolin-4-yl]cyclopentyl methylcarbamate'
3 non-polymer 'praseodymium triacetate'
4 water water
#
_entity_poly.entity_id   1
_entity_poly.type   'polypeptide(L)'
_entity_poly.pdbx_seq_one_letter_code
;SGLKAAQKTLFPLRSIDDVVRLFAAELGREEPDLVLLSLVLGFVEHFLAVNRVIPTNVPELTFQPSPAPDPPGGLTYFPV
ADLSIIAALYARFTAQIRGAVDLSLYPREGGVSSRELVKKVSDVIWNSLSRSYFKDRAHIQSLFSFITGTKLDSSGVAFA
VVGACQALGLRDVHLALSEDHAWVVFGPNGEQTAEVTWHGKGNEDRRGQTVNAGVAERSWLYLKGSYMRCDRKMEVAFMV
CAINPSIDLHTDSLELLQLQQKLLWLLYDLGHLERYPMALGNLADLEELEPTPGRPDPLTLYHKGIASAKTYYRDEHIYP
YMYLAGYHCRNRNVREALQAWADTATVIQDYNYCREDEEIYKEFFEVANDVIPNLLKEAASLLEAGEERPGEQSQGTQSQ
GSALQDPECFAHLLRFYDGICKWEEGSPTPVLHVGWATFLVQSLGRFEGQVRQKVRIVSGTVAGTARGPEGGSTAQVPAP
TASPPPEGPVLTFQSEKMKGMKELLVATKINSSAIKLQLTAQSQVQMKKQKVSTPSDYTLSFLKRQRKGL
;
_entity_poly.pdbx_strand_id   A
#
# COMPACT_ATOMS: atom_id res chain seq x y z
N GLY A 2 -14.90 25.98 -8.17
CA GLY A 2 -16.00 25.55 -9.04
C GLY A 2 -15.56 24.87 -10.32
N LEU A 3 -16.55 24.47 -11.17
CA LEU A 3 -16.19 23.82 -12.43
C LEU A 3 -16.07 24.87 -13.53
N LYS A 4 -14.86 24.95 -14.08
CA LYS A 4 -14.45 25.89 -15.13
C LYS A 4 -14.79 25.33 -16.52
N ALA A 5 -14.81 26.20 -17.54
CA ALA A 5 -15.15 25.83 -18.92
C ALA A 5 -14.21 24.78 -19.49
N ALA A 6 -12.91 24.85 -19.13
CA ALA A 6 -11.85 23.92 -19.57
C ALA A 6 -12.07 22.48 -19.05
N GLN A 7 -12.77 22.35 -17.92
CA GLN A 7 -13.06 21.05 -17.32
C GLN A 7 -14.34 20.45 -17.94
N LYS A 8 -15.42 21.24 -17.95
CA LYS A 8 -16.76 20.90 -18.43
C LYS A 8 -16.84 20.46 -19.91
N THR A 9 -15.98 21.01 -20.78
CA THR A 9 -16.00 20.70 -22.22
C THR A 9 -15.61 19.24 -22.54
N LEU A 10 -14.87 18.56 -21.63
CA LEU A 10 -14.45 17.16 -21.82
C LEU A 10 -15.57 16.18 -21.49
N PHE A 11 -16.64 16.65 -20.84
CA PHE A 11 -17.81 15.86 -20.50
C PHE A 11 -18.77 15.80 -21.71
N PRO A 12 -19.56 14.72 -21.91
CA PRO A 12 -19.69 13.52 -21.08
C PRO A 12 -18.52 12.54 -21.27
N LEU A 13 -18.40 11.59 -20.33
CA LEU A 13 -17.37 10.56 -20.37
C LEU A 13 -18.09 9.26 -20.64
N ARG A 14 -18.11 8.85 -21.91
CA ARG A 14 -18.80 7.65 -22.40
C ARG A 14 -17.90 6.42 -22.47
N SER A 15 -16.59 6.58 -22.14
CA SER A 15 -15.61 5.51 -22.21
C SER A 15 -14.44 5.69 -21.26
N ILE A 16 -13.62 4.62 -21.08
CA ILE A 16 -12.39 4.61 -20.28
C ILE A 16 -11.47 5.70 -20.84
N ASP A 17 -11.31 5.73 -22.19
CA ASP A 17 -10.47 6.69 -22.90
C ASP A 17 -10.91 8.13 -22.66
N ASP A 18 -12.23 8.36 -22.45
CA ASP A 18 -12.78 9.69 -22.16
C ASP A 18 -12.40 10.11 -20.73
N VAL A 19 -12.44 9.16 -19.76
CA VAL A 19 -12.07 9.39 -18.36
C VAL A 19 -10.57 9.70 -18.26
N VAL A 20 -9.74 8.96 -19.03
CA VAL A 20 -8.29 9.14 -19.05
C VAL A 20 -8.00 10.56 -19.56
N ARG A 21 -8.69 11.00 -20.66
CA ARG A 21 -8.58 12.36 -21.23
C ARG A 21 -8.74 13.41 -20.13
N LEU A 22 -9.83 13.27 -19.31
CA LEU A 22 -10.14 14.15 -18.18
C LEU A 22 -8.98 14.20 -17.19
N PHE A 23 -8.43 13.03 -16.81
CA PHE A 23 -7.32 12.98 -15.88
C PHE A 23 -6.07 13.64 -16.45
N ALA A 24 -5.78 13.38 -17.75
CA ALA A 24 -4.62 13.90 -18.48
C ALA A 24 -4.65 15.42 -18.49
N ALA A 25 -5.85 16.00 -18.75
CA ALA A 25 -6.09 17.44 -18.76
C ALA A 25 -5.88 18.00 -17.36
N GLU A 26 -6.60 17.47 -16.36
CA GLU A 26 -6.51 17.90 -14.98
C GLU A 26 -5.09 17.81 -14.42
N LEU A 27 -4.29 16.82 -14.85
CA LEU A 27 -2.91 16.68 -14.36
C LEU A 27 -2.01 17.78 -14.92
N GLY A 28 -2.38 18.31 -16.08
CA GLY A 28 -1.69 19.41 -16.73
C GLY A 28 -1.96 20.75 -16.07
N ARG A 29 -3.15 20.88 -15.43
CA ARG A 29 -3.59 22.08 -14.70
C ARG A 29 -2.66 22.40 -13.52
N GLU A 30 -2.59 23.70 -13.14
CA GLU A 30 -1.75 24.16 -12.02
C GLU A 30 -2.10 23.38 -10.76
N GLU A 31 -3.40 23.37 -10.39
CA GLU A 31 -3.93 22.65 -9.23
C GLU A 31 -5.01 21.61 -9.65
N PRO A 32 -4.63 20.31 -9.82
CA PRO A 32 -5.62 19.29 -10.19
C PRO A 32 -6.74 19.17 -9.15
N ASP A 33 -8.00 19.25 -9.61
CA ASP A 33 -9.18 19.16 -8.76
C ASP A 33 -9.40 17.72 -8.29
N LEU A 34 -9.06 17.46 -7.02
CA LEU A 34 -9.19 16.14 -6.39
C LEU A 34 -10.67 15.71 -6.26
N VAL A 35 -11.56 16.67 -5.92
CA VAL A 35 -12.99 16.41 -5.72
C VAL A 35 -13.63 15.87 -7.01
N LEU A 36 -13.41 16.58 -8.16
CA LEU A 36 -13.96 16.19 -9.47
C LEU A 36 -13.49 14.78 -9.89
N LEU A 37 -12.16 14.54 -9.83
CA LEU A 37 -11.55 13.26 -10.23
C LEU A 37 -12.04 12.09 -9.34
N SER A 38 -12.14 12.30 -8.00
CA SER A 38 -12.61 11.30 -7.04
C SER A 38 -14.08 10.93 -7.28
N LEU A 39 -14.92 11.94 -7.61
CA LEU A 39 -16.34 11.77 -7.91
C LEU A 39 -16.55 10.96 -9.16
N VAL A 40 -15.79 11.27 -10.23
CA VAL A 40 -15.87 10.58 -11.52
C VAL A 40 -15.50 9.10 -11.35
N LEU A 41 -14.37 8.83 -10.67
CA LEU A 41 -13.92 7.46 -10.41
C LEU A 41 -14.97 6.72 -9.60
N GLY A 42 -15.48 7.37 -8.55
CA GLY A 42 -16.52 6.80 -7.70
C GLY A 42 -17.78 6.43 -8.46
N PHE A 43 -18.21 7.33 -9.36
CA PHE A 43 -19.37 7.17 -10.23
C PHE A 43 -19.22 5.95 -11.10
N VAL A 44 -18.13 5.85 -11.90
CA VAL A 44 -17.90 4.71 -12.80
C VAL A 44 -17.74 3.40 -12.00
N GLU A 45 -17.01 3.43 -10.83
CA GLU A 45 -16.81 2.23 -10.01
C GLU A 45 -18.16 1.71 -9.51
N HIS A 46 -19.05 2.62 -9.06
CA HIS A 46 -20.36 2.26 -8.55
C HIS A 46 -21.14 1.36 -9.52
N PHE A 47 -21.17 1.74 -10.79
CA PHE A 47 -21.93 0.98 -11.77
C PHE A 47 -21.13 -0.19 -12.36
N LEU A 48 -19.79 -0.14 -12.29
CA LEU A 48 -18.97 -1.21 -12.83
C LEU A 48 -18.64 -2.32 -11.79
N ALA A 49 -18.90 -2.08 -10.48
CA ALA A 49 -18.59 -3.05 -9.41
C ALA A 49 -19.62 -3.13 -8.27
N VAL A 50 -20.07 -1.98 -7.70
CA VAL A 50 -21.01 -1.93 -6.56
C VAL A 50 -22.41 -2.48 -6.96
N ASN A 51 -23.01 -1.93 -8.04
CA ASN A 51 -24.32 -2.36 -8.55
C ASN A 51 -24.29 -2.38 -10.09
N ARG A 52 -23.95 -3.54 -10.66
CA ARG A 52 -23.81 -3.73 -12.10
C ARG A 52 -25.15 -3.77 -12.84
N VAL A 53 -26.27 -3.94 -12.12
CA VAL A 53 -27.61 -3.99 -12.71
C VAL A 53 -28.00 -2.59 -13.21
N ILE A 54 -28.26 -2.47 -14.52
CA ILE A 54 -28.63 -1.20 -15.15
C ILE A 54 -30.06 -0.82 -14.67
N PRO A 55 -30.23 0.43 -14.11
CA PRO A 55 -31.55 0.85 -13.59
C PRO A 55 -32.58 0.98 -14.69
N THR A 56 -33.74 0.34 -14.50
CA THR A 56 -34.85 0.27 -15.46
C THR A 56 -35.71 1.56 -15.45
N ASN A 57 -36.02 2.10 -14.24
CA ASN A 57 -36.87 3.28 -14.09
C ASN A 57 -36.13 4.62 -14.25
N VAL A 58 -34.91 4.73 -13.66
CA VAL A 58 -34.07 5.95 -13.61
C VAL A 58 -33.80 6.54 -15.03
N PRO A 59 -34.40 7.73 -15.34
CA PRO A 59 -34.09 8.40 -16.62
C PRO A 59 -32.85 9.29 -16.42
N GLU A 60 -32.47 10.10 -17.45
CA GLU A 60 -31.32 11.01 -17.42
C GLU A 60 -29.95 10.25 -17.34
N LEU A 61 -29.94 9.00 -16.78
CA LEU A 61 -28.79 8.11 -16.69
C LEU A 61 -28.82 7.15 -17.89
N THR A 62 -27.71 7.11 -18.63
CA THR A 62 -27.61 6.30 -19.84
C THR A 62 -26.28 5.48 -19.84
N PHE A 63 -26.23 4.43 -20.67
CA PHE A 63 -25.06 3.55 -20.76
C PHE A 63 -24.53 3.49 -22.21
N GLN A 64 -23.20 3.44 -22.37
CA GLN A 64 -22.61 3.43 -23.70
C GLN A 64 -22.17 2.01 -24.14
N PRO A 65 -22.85 1.42 -25.16
CA PRO A 65 -22.42 0.09 -25.64
C PRO A 65 -21.13 0.18 -26.46
N SER A 66 -20.25 -0.84 -26.31
CA SER A 66 -18.98 -0.93 -27.01
C SER A 66 -18.61 -2.42 -27.25
N PRO A 67 -17.90 -2.76 -28.35
CA PRO A 67 -17.47 -4.15 -28.55
C PRO A 67 -16.52 -4.62 -27.45
N ALA A 68 -16.73 -5.85 -26.98
CA ALA A 68 -15.96 -6.53 -25.94
C ALA A 68 -14.97 -7.54 -26.55
N PRO A 69 -13.84 -7.90 -25.87
CA PRO A 69 -12.94 -8.91 -26.45
C PRO A 69 -13.28 -10.33 -25.93
N ASP A 70 -14.47 -10.86 -26.34
CA ASP A 70 -15.03 -12.18 -25.97
C ASP A 70 -15.27 -12.29 -24.47
N GLY A 74 -18.96 -10.04 -26.92
CA GLY A 74 -20.11 -9.28 -27.41
C GLY A 74 -20.02 -7.78 -27.16
N LEU A 75 -20.96 -7.23 -26.35
CA LEU A 75 -21.02 -5.81 -25.99
C LEU A 75 -20.73 -5.55 -24.51
N THR A 76 -20.21 -4.35 -24.21
CA THR A 76 -19.90 -3.83 -22.87
C THR A 76 -20.65 -2.52 -22.64
N TYR A 77 -21.23 -2.34 -21.45
CA TYR A 77 -21.97 -1.13 -21.18
C TYR A 77 -21.23 -0.30 -20.12
N PHE A 78 -20.76 0.90 -20.51
CA PHE A 78 -20.04 1.82 -19.64
C PHE A 78 -20.98 2.91 -19.07
N PRO A 79 -20.90 3.24 -17.74
CA PRO A 79 -21.77 4.31 -17.23
C PRO A 79 -21.35 5.67 -17.74
N VAL A 80 -22.26 6.33 -18.47
CA VAL A 80 -21.98 7.63 -19.06
C VAL A 80 -22.01 8.70 -17.95
N ALA A 81 -20.82 9.22 -17.62
CA ALA A 81 -20.64 10.28 -16.63
C ALA A 81 -21.09 11.63 -17.24
N ASP A 82 -22.38 11.96 -17.05
CA ASP A 82 -22.97 13.20 -17.53
C ASP A 82 -22.49 14.37 -16.71
N LEU A 83 -22.36 15.54 -17.35
CA LEU A 83 -21.94 16.77 -16.68
C LEU A 83 -23.00 17.21 -15.66
N SER A 84 -24.29 16.92 -15.93
CA SER A 84 -25.38 17.27 -15.03
C SER A 84 -25.23 16.53 -13.69
N ILE A 85 -24.94 15.21 -13.75
CA ILE A 85 -24.79 14.33 -12.58
C ILE A 85 -23.56 14.73 -11.76
N ILE A 86 -22.38 14.74 -12.40
CA ILE A 86 -21.08 15.03 -11.79
C ILE A 86 -21.06 16.43 -11.15
N ALA A 87 -21.58 17.46 -11.86
CA ALA A 87 -21.64 18.84 -11.32
C ALA A 87 -22.60 18.92 -10.14
N ALA A 88 -23.74 18.22 -10.21
CA ALA A 88 -24.74 18.18 -9.14
C ALA A 88 -24.10 17.73 -7.81
N LEU A 89 -23.31 16.63 -7.88
CA LEU A 89 -22.58 16.03 -6.77
C LEU A 89 -21.44 16.93 -6.35
N TYR A 90 -20.70 17.51 -7.32
CA TYR A 90 -19.58 18.42 -7.05
C TYR A 90 -20.08 19.62 -6.24
N ALA A 91 -21.24 20.19 -6.67
CA ALA A 91 -21.96 21.33 -6.07
C ALA A 91 -22.34 21.02 -4.64
N ARG A 92 -22.91 19.81 -4.39
CA ARG A 92 -23.32 19.32 -3.08
C ARG A 92 -22.15 19.30 -2.09
N PHE A 93 -20.95 18.88 -2.54
CA PHE A 93 -19.76 18.80 -1.70
C PHE A 93 -19.32 20.17 -1.28
N THR A 94 -19.01 21.04 -2.27
CA THR A 94 -18.53 22.42 -2.08
C THR A 94 -19.51 23.20 -1.21
N ALA A 95 -20.83 23.01 -1.43
CA ALA A 95 -21.88 23.63 -0.61
C ALA A 95 -21.74 23.21 0.86
N GLN A 96 -21.75 21.89 1.11
CA GLN A 96 -21.63 21.26 2.43
C GLN A 96 -20.44 21.78 3.24
N ILE A 97 -19.24 21.86 2.62
CA ILE A 97 -17.98 22.24 3.28
C ILE A 97 -17.95 23.76 3.53
N ARG A 98 -18.21 24.58 2.49
CA ARG A 98 -18.24 26.04 2.57
C ARG A 98 -19.32 26.52 3.58
N GLY A 99 -20.45 25.80 3.61
CA GLY A 99 -21.54 26.05 4.52
C GLY A 99 -21.43 25.30 5.84
N ALA A 100 -20.20 25.25 6.39
CA ALA A 100 -19.85 24.60 7.66
C ALA A 100 -18.60 25.22 8.23
N VAL A 101 -17.75 25.75 7.35
CA VAL A 101 -16.50 26.39 7.71
C VAL A 101 -16.58 27.88 7.35
N ASP A 102 -16.44 28.74 8.37
CA ASP A 102 -16.44 30.18 8.14
C ASP A 102 -14.99 30.63 8.17
N LEU A 103 -14.44 30.87 6.97
CA LEU A 103 -13.04 31.26 6.77
C LEU A 103 -12.68 32.57 7.46
N SER A 104 -13.64 33.52 7.56
CA SER A 104 -13.43 34.82 8.20
C SER A 104 -13.04 34.67 9.68
N LEU A 105 -13.65 33.69 10.40
CA LEU A 105 -13.39 33.39 11.80
C LEU A 105 -11.97 32.81 12.05
N TYR A 106 -11.22 32.46 10.97
CA TYR A 106 -9.86 31.90 11.04
C TYR A 106 -8.84 32.83 10.35
N PRO A 107 -7.72 33.20 11.02
CA PRO A 107 -6.75 34.12 10.39
C PRO A 107 -5.67 33.38 9.58
N ARG A 108 -5.70 33.58 8.25
CA ARG A 108 -4.75 32.95 7.35
C ARG A 108 -3.45 33.77 7.29
N GLU A 109 -2.57 33.58 8.29
CA GLU A 109 -1.29 34.28 8.40
C GLU A 109 -0.37 33.91 7.23
N GLY A 110 -0.43 34.71 6.16
CA GLY A 110 0.34 34.53 4.94
C GLY A 110 0.01 33.28 4.15
N GLY A 111 -1.28 32.95 4.11
CA GLY A 111 -1.80 31.76 3.40
C GLY A 111 -1.67 30.45 4.15
N VAL A 112 -0.76 30.41 5.15
CA VAL A 112 -0.47 29.24 5.98
C VAL A 112 -1.71 28.89 6.82
N SER A 113 -2.18 27.63 6.69
CA SER A 113 -3.34 27.12 7.41
C SER A 113 -2.94 26.78 8.83
N SER A 114 -3.73 27.27 9.80
CA SER A 114 -3.53 27.05 11.23
C SER A 114 -4.01 25.65 11.61
N ARG A 115 -3.45 25.10 12.69
CA ARG A 115 -3.82 23.77 13.18
C ARG A 115 -5.33 23.71 13.52
N GLU A 116 -5.86 24.81 14.13
CA GLU A 116 -7.24 24.99 14.56
C GLU A 116 -8.22 24.88 13.37
N LEU A 117 -7.82 25.42 12.20
CA LEU A 117 -8.60 25.38 10.96
C LEU A 117 -8.60 23.96 10.39
N VAL A 118 -7.40 23.30 10.37
CA VAL A 118 -7.20 21.93 9.88
C VAL A 118 -8.14 20.98 10.64
N LYS A 119 -8.13 21.08 12.00
CA LYS A 119 -8.97 20.27 12.88
C LYS A 119 -10.47 20.51 12.58
N LYS A 120 -10.89 21.77 12.29
CA LYS A 120 -12.28 22.10 11.97
C LYS A 120 -12.75 21.32 10.74
N VAL A 121 -12.00 21.42 9.60
CA VAL A 121 -12.29 20.71 8.34
C VAL A 121 -12.29 19.19 8.62
N SER A 122 -11.33 18.73 9.46
CA SER A 122 -11.24 17.32 9.84
C SER A 122 -12.51 16.88 10.56
N ASP A 123 -13.09 17.76 11.43
CA ASP A 123 -14.31 17.47 12.18
C ASP A 123 -15.54 17.46 11.27
N VAL A 124 -15.60 18.38 10.26
CA VAL A 124 -16.71 18.49 9.30
C VAL A 124 -16.92 17.13 8.60
N ILE A 125 -15.82 16.55 8.07
CA ILE A 125 -15.85 15.26 7.37
C ILE A 125 -16.28 14.15 8.34
N TRP A 126 -15.63 14.11 9.52
CA TRP A 126 -15.83 13.13 10.58
C TRP A 126 -17.29 13.05 11.05
N ASN A 127 -17.90 14.22 11.35
CA ASN A 127 -19.25 14.31 11.88
C ASN A 127 -20.33 14.08 10.81
N SER A 128 -19.97 14.17 9.51
CA SER A 128 -20.90 13.94 8.40
C SER A 128 -21.20 12.45 8.19
N LEU A 129 -20.27 11.57 8.58
CA LEU A 129 -20.32 10.11 8.36
C LEU A 129 -21.37 9.36 9.17
N SER A 130 -21.93 8.28 8.54
CA SER A 130 -22.92 7.34 9.11
C SER A 130 -22.47 6.76 10.44
N ARG A 131 -23.41 6.60 11.39
CA ARG A 131 -23.14 6.10 12.74
C ARG A 131 -22.64 4.65 12.72
N SER A 132 -23.16 3.79 11.82
CA SER A 132 -22.72 2.39 11.78
C SER A 132 -22.63 1.83 10.36
N TYR A 133 -21.41 1.45 9.97
CA TYR A 133 -21.11 0.81 8.69
C TYR A 133 -19.85 -0.03 8.82
N PHE A 134 -19.71 -1.09 8.00
CA PHE A 134 -18.53 -1.96 8.05
C PHE A 134 -17.34 -1.23 7.45
N LYS A 135 -16.37 -0.86 8.30
CA LYS A 135 -15.16 -0.08 7.95
C LYS A 135 -14.26 -0.77 6.90
N ASP A 136 -14.26 -2.11 6.82
CA ASP A 136 -13.46 -2.81 5.82
C ASP A 136 -14.29 -3.15 4.57
N ARG A 137 -15.40 -2.43 4.37
CA ARG A 137 -16.25 -2.61 3.19
C ARG A 137 -15.55 -2.08 1.94
N ALA A 138 -15.69 -2.76 0.79
CA ALA A 138 -15.09 -2.31 -0.45
C ALA A 138 -15.91 -1.18 -1.06
N HIS A 139 -15.26 -0.38 -1.93
CA HIS A 139 -15.84 0.73 -2.71
C HIS A 139 -16.43 1.88 -1.84
N ILE A 140 -15.79 2.20 -0.70
CA ILE A 140 -16.21 3.32 0.14
C ILE A 140 -14.97 4.21 0.37
N GLN A 141 -14.20 4.46 -0.69
CA GLN A 141 -12.96 5.24 -0.68
C GLN A 141 -13.12 6.66 -1.28
N SER A 142 -13.86 6.75 -2.41
CA SER A 142 -14.10 7.96 -3.22
C SER A 142 -15.06 8.94 -2.56
N LEU A 143 -15.08 10.19 -3.08
CA LEU A 143 -15.98 11.25 -2.62
C LEU A 143 -17.41 10.97 -3.10
N PHE A 144 -17.58 10.04 -4.07
CA PHE A 144 -18.89 9.62 -4.53
C PHE A 144 -19.57 8.89 -3.38
N SER A 145 -18.80 8.11 -2.61
CA SER A 145 -19.30 7.40 -1.44
C SER A 145 -19.68 8.39 -0.33
N PHE A 146 -18.82 9.36 -0.02
CA PHE A 146 -19.07 10.37 1.01
C PHE A 146 -20.32 11.18 0.68
N ILE A 147 -20.58 11.48 -0.60
CA ILE A 147 -21.75 12.27 -0.97
C ILE A 147 -23.01 11.37 -1.05
N THR A 148 -23.02 10.35 -1.92
CA THR A 148 -24.18 9.50 -2.15
C THR A 148 -24.56 8.63 -0.93
N GLY A 149 -23.57 8.02 -0.27
CA GLY A 149 -23.85 7.12 0.85
C GLY A 149 -23.26 7.46 2.21
N THR A 150 -22.64 8.66 2.35
CA THR A 150 -22.01 9.21 3.58
C THR A 150 -21.14 8.14 4.36
N LYS A 151 -20.42 7.27 3.62
CA LYS A 151 -19.54 6.21 4.14
C LYS A 151 -18.13 6.33 3.58
N LEU A 152 -17.11 6.24 4.43
CA LEU A 152 -15.71 6.27 4.00
C LEU A 152 -14.85 5.30 4.80
N ASP A 153 -13.89 4.63 4.13
CA ASP A 153 -12.91 3.75 4.77
C ASP A 153 -11.84 4.63 5.43
N SER A 154 -11.01 4.04 6.31
CA SER A 154 -9.98 4.75 7.09
C SER A 154 -9.16 5.79 6.31
N SER A 155 -8.42 5.40 5.25
CA SER A 155 -7.60 6.32 4.46
C SER A 155 -8.45 7.32 3.63
N GLY A 156 -9.71 6.97 3.36
CA GLY A 156 -10.68 7.77 2.60
C GLY A 156 -11.05 9.08 3.28
N VAL A 157 -11.09 9.04 4.63
CA VAL A 157 -11.36 10.17 5.51
C VAL A 157 -10.25 11.21 5.30
N ALA A 158 -8.98 10.76 5.39
CA ALA A 158 -7.81 11.60 5.19
C ALA A 158 -7.80 12.20 3.80
N PHE A 159 -8.20 11.41 2.78
CA PHE A 159 -8.27 11.90 1.41
C PHE A 159 -9.33 13.00 1.29
N ALA A 160 -10.51 12.78 1.94
CA ALA A 160 -11.63 13.74 1.93
C ALA A 160 -11.23 15.04 2.61
N VAL A 161 -10.61 14.98 3.82
CA VAL A 161 -10.13 16.15 4.56
C VAL A 161 -9.22 17.01 3.63
N VAL A 162 -8.34 16.37 2.82
CA VAL A 162 -7.43 17.04 1.87
C VAL A 162 -8.23 17.62 0.68
N GLY A 163 -9.22 16.87 0.19
CA GLY A 163 -10.08 17.28 -0.90
C GLY A 163 -10.94 18.47 -0.52
N ALA A 164 -11.45 18.45 0.73
CA ALA A 164 -12.26 19.49 1.34
C ALA A 164 -11.40 20.73 1.58
N CYS A 165 -10.19 20.56 2.14
CA CYS A 165 -9.26 21.67 2.37
C CYS A 165 -9.00 22.41 1.06
N GLN A 166 -8.86 21.65 -0.05
CA GLN A 166 -8.61 22.18 -1.40
C GLN A 166 -9.80 23.01 -1.84
N ALA A 167 -11.04 22.57 -1.55
CA ALA A 167 -12.27 23.30 -1.92
C ALA A 167 -12.29 24.71 -1.29
N LEU A 168 -11.83 24.80 -0.02
CA LEU A 168 -11.78 26.03 0.78
C LEU A 168 -10.64 26.97 0.35
N GLY A 169 -9.78 26.52 -0.57
CA GLY A 169 -8.67 27.32 -1.06
C GLY A 169 -7.38 27.15 -0.30
N LEU A 170 -7.36 26.20 0.66
CA LEU A 170 -6.18 25.91 1.47
C LEU A 170 -5.29 24.93 0.68
N ARG A 171 -4.33 25.50 -0.06
CA ARG A 171 -3.42 24.80 -0.96
C ARG A 171 -2.16 24.25 -0.25
N ASP A 172 -2.07 24.31 1.10
CA ASP A 172 -0.88 23.82 1.82
C ASP A 172 -1.15 22.52 2.59
N VAL A 173 -2.43 22.14 2.74
CA VAL A 173 -2.81 20.92 3.44
C VAL A 173 -2.72 19.74 2.46
N HIS A 174 -1.93 18.72 2.83
CA HIS A 174 -1.68 17.55 1.99
C HIS A 174 -1.81 16.22 2.69
N LEU A 175 -2.04 15.17 1.87
CA LEU A 175 -2.12 13.78 2.31
C LEU A 175 -0.74 13.24 2.67
N ALA A 176 -0.66 12.60 3.82
CA ALA A 176 0.57 11.98 4.28
C ALA A 176 0.28 10.50 4.45
N LEU A 177 1.02 9.66 3.73
CA LEU A 177 0.75 8.22 3.79
C LEU A 177 1.95 7.44 4.26
N SER A 178 1.67 6.35 4.98
CA SER A 178 2.65 5.37 5.39
C SER A 178 2.29 4.09 4.63
N GLU A 179 2.56 2.88 5.16
CA GLU A 179 2.19 1.71 4.37
C GLU A 179 0.88 1.11 4.85
N ASP A 180 0.36 1.58 5.99
CA ASP A 180 -0.92 1.13 6.53
C ASP A 180 -1.64 2.28 7.29
N HIS A 181 -1.36 3.55 6.95
CA HIS A 181 -2.03 4.69 7.61
C HIS A 181 -1.98 5.95 6.74
N ALA A 182 -2.90 6.89 7.02
CA ALA A 182 -3.01 8.18 6.36
C ALA A 182 -3.28 9.30 7.37
N TRP A 183 -2.72 10.48 7.10
CA TRP A 183 -2.91 11.68 7.91
C TRP A 183 -2.66 12.91 7.07
N VAL A 184 -2.54 14.07 7.72
CA VAL A 184 -2.42 15.33 7.02
C VAL A 184 -1.10 16.05 7.39
N VAL A 185 -0.52 16.73 6.39
CA VAL A 185 0.69 17.54 6.54
C VAL A 185 0.37 18.97 6.06
N PHE A 186 0.77 19.96 6.87
CA PHE A 186 0.53 21.38 6.60
C PHE A 186 1.62 22.20 7.27
N GLY A 187 1.57 23.52 7.12
CA GLY A 187 2.53 24.43 7.73
C GLY A 187 3.30 25.29 6.75
N PRO A 188 4.08 26.27 7.26
CA PRO A 188 4.85 27.15 6.35
C PRO A 188 5.98 26.43 5.62
N ASN A 189 6.38 25.25 6.13
CA ASN A 189 7.41 24.42 5.54
C ASN A 189 6.88 23.00 5.34
N GLY A 190 5.61 22.80 5.67
CA GLY A 190 4.90 21.52 5.58
C GLY A 190 5.45 20.49 6.53
N GLU A 191 5.73 20.92 7.77
CA GLU A 191 6.33 20.08 8.83
C GLU A 191 5.38 19.84 10.03
N GLN A 192 4.14 20.35 9.95
CA GLN A 192 3.12 20.17 10.98
C GLN A 192 2.24 18.97 10.61
N THR A 193 2.12 17.99 11.52
CA THR A 193 1.33 16.77 11.28
C THR A 193 0.05 16.75 12.11
N ALA A 194 -1.06 16.21 11.54
CA ALA A 194 -2.33 16.11 12.25
C ALA A 194 -3.09 14.82 11.88
N GLU A 195 -3.43 14.02 12.89
CA GLU A 195 -4.21 12.80 12.69
C GLU A 195 -5.66 13.19 12.31
N VAL A 196 -6.20 12.61 11.24
CA VAL A 196 -7.54 12.99 10.82
C VAL A 196 -8.45 11.78 10.67
N THR A 197 -7.95 10.56 10.97
CA THR A 197 -8.75 9.34 10.84
C THR A 197 -8.38 8.35 11.96
N TRP A 198 -8.85 7.10 11.85
CA TRP A 198 -8.63 6.06 12.84
C TRP A 198 -7.67 4.98 12.33
N HIS A 199 -7.28 4.05 13.22
CA HIS A 199 -6.43 2.94 12.81
C HIS A 199 -6.83 1.65 13.52
N GLY A 200 -7.12 0.63 12.71
CA GLY A 200 -7.54 -0.69 13.18
C GLY A 200 -8.89 -0.69 13.86
N LYS A 201 -9.17 -1.76 14.63
CA LYS A 201 -10.42 -1.91 15.36
C LYS A 201 -10.15 -1.73 16.86
N GLY A 202 -10.64 -0.61 17.40
CA GLY A 202 -10.53 -0.26 18.81
C GLY A 202 -9.11 -0.05 19.31
N ASN A 203 -8.44 0.97 18.77
CA ASN A 203 -7.08 1.33 19.17
C ASN A 203 -7.05 2.81 19.61
N GLU A 204 -8.20 3.29 20.16
CA GLU A 204 -8.47 4.66 20.64
C GLU A 204 -8.58 5.67 19.48
N ASP A 205 -8.84 6.94 19.83
CA ASP A 205 -8.97 8.02 18.85
C ASP A 205 -7.86 9.05 19.07
N ARG A 206 -6.85 9.01 18.19
CA ARG A 206 -5.70 9.91 18.24
C ARG A 206 -5.91 11.14 17.35
N ARG A 207 -7.13 11.33 16.80
CA ARG A 207 -7.48 12.45 15.90
C ARG A 207 -7.10 13.79 16.50
N GLY A 208 -6.60 14.69 15.65
CA GLY A 208 -6.16 16.03 16.04
C GLY A 208 -4.77 16.08 16.62
N GLN A 209 -4.21 14.91 16.98
CA GLN A 209 -2.87 14.81 17.56
C GLN A 209 -1.76 14.85 16.50
N THR A 210 -0.52 15.03 16.96
CA THR A 210 0.67 15.04 16.15
C THR A 210 1.12 13.57 15.92
N VAL A 211 2.06 13.36 15.00
CA VAL A 211 2.58 12.05 14.57
C VAL A 211 3.94 11.76 15.26
N ASN A 212 4.54 12.80 15.88
CA ASN A 212 5.84 12.78 16.57
C ASN A 212 6.07 11.56 17.47
N ALA A 213 5.07 11.16 18.28
CA ALA A 213 5.17 10.04 19.20
C ALA A 213 5.35 8.68 18.49
N GLY A 214 4.61 8.46 17.41
CA GLY A 214 4.68 7.25 16.60
C GLY A 214 5.97 7.13 15.81
N VAL A 215 6.53 8.28 15.39
CA VAL A 215 7.80 8.41 14.66
C VAL A 215 8.94 8.01 15.60
N ALA A 216 8.93 8.52 16.85
CA ALA A 216 9.94 8.27 17.88
C ALA A 216 9.92 6.81 18.36
N GLU A 217 8.72 6.22 18.44
CA GLU A 217 8.41 4.85 18.87
C GLU A 217 9.10 3.76 18.01
N ARG A 218 9.59 4.14 16.79
CA ARG A 218 10.26 3.28 15.80
C ARG A 218 9.30 2.18 15.29
N SER A 219 8.01 2.52 15.19
CA SER A 219 6.95 1.62 14.71
C SER A 219 6.88 1.63 13.20
N TRP A 220 6.58 0.47 12.59
CA TRP A 220 6.45 0.34 11.14
C TRP A 220 5.34 1.24 10.58
N LEU A 221 4.29 1.52 11.39
CA LEU A 221 3.13 2.32 10.99
C LEU A 221 3.50 3.76 10.63
N TYR A 222 4.48 4.38 11.30
CA TYR A 222 4.87 5.77 10.98
C TYR A 222 6.24 5.82 10.28
N LEU A 223 6.68 4.65 9.77
CA LEU A 223 7.89 4.38 8.99
C LEU A 223 9.13 5.20 9.44
N LYS A 224 9.36 5.31 10.78
CA LYS A 224 10.47 6.06 11.39
C LYS A 224 10.63 7.49 10.77
N GLY A 225 9.52 8.04 10.26
CA GLY A 225 9.46 9.38 9.67
C GLY A 225 9.67 9.42 8.17
N SER A 226 10.16 8.31 7.57
CA SER A 226 10.36 8.33 6.12
C SER A 226 9.08 7.84 5.41
N TYR A 227 7.97 8.52 5.70
CA TYR A 227 6.68 8.25 5.10
C TYR A 227 6.48 9.20 3.90
N MET A 228 5.50 8.91 3.03
CA MET A 228 5.20 9.75 1.88
C MET A 228 4.49 11.03 2.28
N ARG A 229 4.92 12.16 1.68
CA ARG A 229 4.34 13.49 1.87
C ARG A 229 3.93 13.96 0.49
N CYS A 230 2.68 13.65 0.11
CA CYS A 230 2.12 13.93 -1.21
C CYS A 230 2.11 15.39 -1.61
N ASP A 231 2.10 15.59 -2.92
CA ASP A 231 1.83 16.84 -3.61
C ASP A 231 0.46 16.57 -4.25
N ARG A 232 -0.09 17.51 -5.05
CA ARG A 232 -1.41 17.25 -5.65
C ARG A 232 -1.38 16.06 -6.61
N LYS A 233 -0.26 15.88 -7.34
CA LYS A 233 -0.04 14.81 -8.31
C LYS A 233 -0.01 13.42 -7.65
N MET A 234 0.70 13.30 -6.52
CA MET A 234 0.77 12.05 -5.77
C MET A 234 -0.58 11.72 -5.13
N GLU A 235 -1.40 12.75 -4.85
CA GLU A 235 -2.74 12.57 -4.30
C GLU A 235 -3.64 11.94 -5.37
N VAL A 236 -3.51 12.39 -6.65
CA VAL A 236 -4.22 11.86 -7.83
C VAL A 236 -3.83 10.37 -8.00
N ALA A 237 -2.52 10.07 -7.86
CA ALA A 237 -1.99 8.73 -7.95
C ALA A 237 -2.65 7.84 -6.91
N PHE A 238 -2.66 8.28 -5.61
CA PHE A 238 -3.29 7.56 -4.50
C PHE A 238 -4.72 7.18 -4.87
N MET A 239 -5.48 8.15 -5.37
CA MET A 239 -6.86 8.04 -5.84
C MET A 239 -7.01 6.91 -6.85
N VAL A 240 -6.06 6.81 -7.82
CA VAL A 240 -6.04 5.79 -8.87
C VAL A 240 -5.73 4.43 -8.23
N CYS A 241 -4.69 4.34 -7.38
CA CYS A 241 -4.35 3.10 -6.67
C CYS A 241 -5.54 2.63 -5.81
N ALA A 242 -6.40 3.58 -5.39
CA ALA A 242 -7.58 3.33 -4.57
C ALA A 242 -8.75 2.71 -5.39
N ILE A 243 -8.68 2.70 -6.77
CA ILE A 243 -9.71 2.06 -7.63
C ILE A 243 -9.83 0.59 -7.21
N ASN A 244 -11.04 0.14 -6.91
CA ASN A 244 -11.30 -1.23 -6.46
C ASN A 244 -12.06 -2.03 -7.54
N PRO A 245 -11.38 -2.82 -8.39
CA PRO A 245 -12.12 -3.55 -9.45
C PRO A 245 -12.87 -4.78 -8.95
N SER A 246 -12.84 -5.09 -7.64
CA SER A 246 -13.49 -6.28 -7.09
C SER A 246 -15.02 -6.22 -7.17
N ILE A 247 -15.63 -7.11 -8.01
CA ILE A 247 -17.09 -7.22 -8.12
C ILE A 247 -17.52 -7.99 -6.85
N ASP A 248 -16.91 -9.17 -6.63
CA ASP A 248 -17.01 -10.03 -5.45
C ASP A 248 -15.60 -10.57 -5.13
N LEU A 249 -15.47 -11.52 -4.18
CA LEU A 249 -14.17 -12.06 -3.74
C LEU A 249 -13.36 -12.79 -4.86
N HIS A 250 -14.03 -13.35 -5.89
CA HIS A 250 -13.36 -14.12 -6.94
C HIS A 250 -13.41 -13.48 -8.35
N THR A 251 -14.24 -12.44 -8.57
CA THR A 251 -14.35 -11.79 -9.88
C THR A 251 -13.96 -10.30 -9.83
N ASP A 252 -13.50 -9.76 -10.98
CA ASP A 252 -13.10 -8.35 -11.13
C ASP A 252 -13.64 -7.70 -12.41
N SER A 253 -13.93 -6.38 -12.33
CA SER A 253 -14.37 -5.58 -13.47
C SER A 253 -13.18 -5.32 -14.36
N LEU A 254 -13.26 -5.78 -15.62
CA LEU A 254 -12.18 -5.60 -16.60
C LEU A 254 -12.00 -4.14 -16.94
N GLU A 255 -13.12 -3.38 -17.01
CA GLU A 255 -13.12 -1.94 -17.33
C GLU A 255 -12.41 -1.16 -16.24
N LEU A 256 -12.63 -1.50 -14.96
CA LEU A 256 -11.96 -0.84 -13.85
C LEU A 256 -10.48 -1.23 -13.78
N LEU A 257 -10.13 -2.46 -14.20
CA LEU A 257 -8.74 -2.93 -14.27
C LEU A 257 -8.01 -2.17 -15.38
N GLN A 258 -8.64 -2.10 -16.57
CA GLN A 258 -8.17 -1.39 -17.76
C GLN A 258 -8.06 0.11 -17.49
N LEU A 259 -8.99 0.66 -16.67
CA LEU A 259 -9.00 2.09 -16.31
C LEU A 259 -7.83 2.40 -15.37
N GLN A 260 -7.64 1.60 -14.29
CA GLN A 260 -6.57 1.81 -13.32
C GLN A 260 -5.19 1.65 -13.98
N GLN A 261 -5.09 0.74 -14.96
CA GLN A 261 -3.84 0.45 -15.67
C GLN A 261 -3.44 1.66 -16.53
N LYS A 262 -4.42 2.23 -17.26
CA LYS A 262 -4.21 3.37 -18.16
C LYS A 262 -3.83 4.63 -17.39
N LEU A 263 -4.52 4.87 -16.25
CA LEU A 263 -4.30 6.05 -15.42
C LEU A 263 -2.92 5.99 -14.76
N LEU A 264 -2.49 4.79 -14.35
CA LEU A 264 -1.16 4.60 -13.77
C LEU A 264 -0.08 4.80 -14.83
N TRP A 265 -0.30 4.39 -16.10
CA TRP A 265 0.73 4.62 -17.13
C TRP A 265 0.87 6.10 -17.44
N LEU A 266 -0.27 6.84 -17.40
CA LEU A 266 -0.33 8.29 -17.58
C LEU A 266 0.48 8.96 -16.48
N LEU A 267 0.20 8.59 -15.22
CA LEU A 267 0.88 9.09 -14.04
C LEU A 267 2.38 8.82 -14.11
N TYR A 268 2.74 7.61 -14.56
CA TYR A 268 4.12 7.17 -14.73
C TYR A 268 4.88 8.09 -15.69
N ASP A 269 4.33 8.26 -16.93
CA ASP A 269 4.90 9.06 -18.02
C ASP A 269 5.14 10.53 -17.67
N LEU A 270 4.39 11.12 -16.71
CA LEU A 270 4.60 12.51 -16.26
C LEU A 270 5.54 12.51 -15.03
N GLY A 271 6.09 11.33 -14.72
CA GLY A 271 7.01 11.12 -13.60
C GLY A 271 6.40 11.32 -12.24
N HIS A 272 5.11 10.94 -12.06
CA HIS A 272 4.39 11.13 -10.81
C HIS A 272 4.32 9.85 -9.95
N LEU A 273 5.08 8.80 -10.32
CA LEU A 273 5.12 7.58 -9.51
C LEU A 273 6.55 7.32 -9.02
N GLU A 274 7.49 8.23 -9.37
CA GLU A 274 8.92 8.17 -8.99
C GLU A 274 9.14 8.24 -7.48
N ARG A 275 8.15 8.73 -6.72
CA ARG A 275 8.21 8.81 -5.26
C ARG A 275 7.07 8.00 -4.62
N TYR A 276 6.41 7.13 -5.41
CA TYR A 276 5.32 6.27 -4.95
C TYR A 276 5.74 4.79 -5.19
N PRO A 277 6.61 4.19 -4.31
CA PRO A 277 7.06 2.81 -4.56
C PRO A 277 5.93 1.77 -4.67
N MET A 278 4.88 1.87 -3.82
CA MET A 278 3.76 0.92 -3.86
C MET A 278 2.93 1.03 -5.15
N ALA A 279 2.98 2.19 -5.85
CA ALA A 279 2.22 2.37 -7.09
C ALA A 279 2.86 1.61 -8.22
N LEU A 280 4.23 1.59 -8.24
CA LEU A 280 5.03 0.90 -9.26
C LEU A 280 4.77 -0.61 -9.17
N GLY A 281 4.61 -1.11 -7.94
CA GLY A 281 4.25 -2.48 -7.66
C GLY A 281 2.83 -2.83 -8.12
N ASN A 282 1.87 -1.90 -7.95
CA ASN A 282 0.49 -2.09 -8.38
C ASN A 282 0.45 -2.16 -9.92
N LEU A 283 1.17 -1.22 -10.61
CA LEU A 283 1.25 -1.17 -12.08
C LEU A 283 1.85 -2.47 -12.62
N ALA A 284 2.89 -3.00 -11.91
CA ALA A 284 3.55 -4.26 -12.23
C ALA A 284 2.57 -5.43 -12.15
N ASP A 285 1.76 -5.51 -11.07
CA ASP A 285 0.73 -6.54 -10.88
C ASP A 285 -0.27 -6.53 -12.05
N LEU A 286 -0.63 -5.34 -12.54
CA LEU A 286 -1.61 -5.18 -13.62
C LEU A 286 -1.00 -5.55 -14.97
N GLU A 287 0.30 -5.23 -15.15
CA GLU A 287 1.06 -5.56 -16.37
C GLU A 287 1.26 -7.08 -16.44
N GLU A 288 1.32 -7.76 -15.29
CA GLU A 288 1.44 -9.21 -15.24
C GLU A 288 0.18 -9.89 -15.80
N LEU A 289 -1.04 -9.35 -15.51
CA LEU A 289 -2.30 -9.92 -15.98
C LEU A 289 -2.51 -9.67 -17.46
N GLU A 290 -2.57 -8.39 -17.88
CA GLU A 290 -2.77 -8.04 -19.29
C GLU A 290 -1.68 -7.04 -19.70
N PRO A 291 -0.48 -7.55 -20.10
CA PRO A 291 0.62 -6.64 -20.47
C PRO A 291 0.30 -5.78 -21.67
N THR A 292 0.56 -4.48 -21.55
CA THR A 292 0.31 -3.54 -22.64
C THR A 292 1.55 -3.53 -23.53
N PRO A 293 1.36 -3.72 -24.87
CA PRO A 293 2.52 -3.75 -25.78
C PRO A 293 3.35 -2.46 -25.77
N GLY A 294 4.67 -2.62 -25.67
CA GLY A 294 5.63 -1.53 -25.69
C GLY A 294 6.20 -1.17 -24.34
N ARG A 295 5.39 -1.33 -23.30
CA ARG A 295 5.70 -1.02 -21.91
C ARG A 295 6.69 -2.01 -21.27
N PRO A 296 7.44 -1.58 -20.22
CA PRO A 296 8.39 -2.48 -19.54
C PRO A 296 7.75 -3.73 -18.92
N ASP A 297 8.60 -4.76 -18.71
CA ASP A 297 8.25 -6.05 -18.11
C ASP A 297 7.85 -5.85 -16.65
N PRO A 298 6.94 -6.67 -16.07
CA PRO A 298 6.58 -6.49 -14.66
C PRO A 298 7.78 -6.44 -13.70
N LEU A 299 8.85 -7.25 -13.91
CA LEU A 299 10.04 -7.24 -13.04
C LEU A 299 10.79 -5.91 -13.06
N THR A 300 10.79 -5.22 -14.20
CA THR A 300 11.43 -3.90 -14.35
C THR A 300 10.73 -2.95 -13.38
N LEU A 301 9.38 -2.95 -13.45
CA LEU A 301 8.48 -2.17 -12.62
C LEU A 301 8.61 -2.55 -11.13
N TYR A 302 8.66 -3.86 -10.79
CA TYR A 302 8.83 -4.30 -9.40
C TYR A 302 10.07 -3.71 -8.78
N HIS A 303 11.15 -3.62 -9.58
CA HIS A 303 12.44 -3.10 -9.16
C HIS A 303 12.48 -1.58 -9.16
N LYS A 304 11.67 -0.94 -10.03
CA LYS A 304 11.58 0.52 -10.07
C LYS A 304 11.03 1.00 -8.72
N GLY A 305 10.06 0.24 -8.19
CA GLY A 305 9.47 0.46 -6.88
C GLY A 305 10.50 0.37 -5.79
N ILE A 306 11.30 -0.71 -5.79
CA ILE A 306 12.39 -0.91 -4.81
C ILE A 306 13.41 0.22 -4.93
N ALA A 307 13.74 0.63 -6.17
CA ALA A 307 14.70 1.69 -6.44
C ALA A 307 14.23 3.00 -5.85
N SER A 308 12.91 3.29 -5.98
CA SER A 308 12.24 4.49 -5.47
C SER A 308 12.34 4.55 -3.94
N ALA A 309 12.14 3.38 -3.27
CA ALA A 309 12.17 3.23 -1.82
C ALA A 309 13.56 3.54 -1.28
N LYS A 310 14.58 3.05 -1.97
CA LYS A 310 15.99 3.22 -1.61
C LYS A 310 16.45 4.67 -1.86
N THR A 311 15.96 5.30 -2.93
CA THR A 311 16.34 6.66 -3.30
C THR A 311 15.67 7.73 -2.42
N TYR A 312 14.33 7.72 -2.32
CA TYR A 312 13.59 8.76 -1.61
C TYR A 312 13.09 8.40 -0.20
N TYR A 313 13.22 7.13 0.26
CA TYR A 313 12.69 6.77 1.59
C TYR A 313 13.67 5.96 2.46
N ARG A 314 14.99 6.19 2.30
CA ARG A 314 16.07 5.56 3.09
C ARG A 314 15.98 4.01 3.13
N ASP A 315 15.30 3.41 2.12
CA ASP A 315 15.09 1.96 2.00
C ASP A 315 14.39 1.40 3.30
N GLU A 316 13.44 2.18 3.87
CA GLU A 316 12.73 1.83 5.10
C GLU A 316 11.31 1.24 4.86
N HIS A 317 10.92 1.02 3.59
CA HIS A 317 9.61 0.45 3.22
C HIS A 317 9.71 -1.06 3.01
N ILE A 318 8.62 -1.78 3.35
CA ILE A 318 8.50 -3.24 3.32
C ILE A 318 7.77 -3.78 2.07
N TYR A 319 6.62 -3.18 1.70
CA TYR A 319 5.81 -3.63 0.56
C TYR A 319 6.58 -3.65 -0.78
N PRO A 320 7.52 -2.75 -1.13
CA PRO A 320 8.22 -2.89 -2.42
C PRO A 320 8.83 -4.29 -2.63
N TYR A 321 9.39 -4.88 -1.57
CA TYR A 321 9.98 -6.21 -1.58
C TYR A 321 8.93 -7.31 -1.56
N MET A 322 7.82 -7.09 -0.84
CA MET A 322 6.67 -8.00 -0.75
C MET A 322 6.04 -8.17 -2.13
N TYR A 323 5.89 -7.06 -2.89
CA TYR A 323 5.33 -7.04 -4.24
C TYR A 323 6.12 -7.99 -5.16
N LEU A 324 7.47 -7.90 -5.11
CA LEU A 324 8.41 -8.73 -5.88
C LEU A 324 8.36 -10.18 -5.42
N ALA A 325 8.44 -10.42 -4.09
CA ALA A 325 8.38 -11.76 -3.48
C ALA A 325 7.09 -12.48 -3.88
N GLY A 326 6.00 -11.74 -4.02
CA GLY A 326 4.71 -12.27 -4.43
C GLY A 326 4.72 -12.73 -5.87
N TYR A 327 5.36 -11.93 -6.75
CA TYR A 327 5.45 -12.23 -8.18
C TYR A 327 6.22 -13.52 -8.45
N HIS A 328 7.35 -13.72 -7.74
CA HIS A 328 8.18 -14.91 -7.86
C HIS A 328 7.46 -16.11 -7.25
N CYS A 329 6.70 -15.88 -6.17
CA CYS A 329 5.91 -16.90 -5.48
C CYS A 329 4.80 -17.41 -6.39
N ARG A 330 4.14 -16.50 -7.13
CA ARG A 330 3.10 -16.82 -8.10
C ARG A 330 3.68 -17.65 -9.24
N ASN A 331 4.94 -17.36 -9.61
CA ASN A 331 5.67 -18.00 -10.70
C ASN A 331 6.57 -19.15 -10.21
N ARG A 332 6.37 -19.58 -8.94
CA ARG A 332 7.12 -20.66 -8.28
C ARG A 332 8.63 -20.55 -8.57
N ASN A 333 9.22 -19.41 -8.18
CA ASN A 333 10.64 -19.16 -8.43
C ASN A 333 11.50 -19.49 -7.20
N VAL A 334 10.88 -19.78 -6.07
CA VAL A 334 11.46 -20.22 -4.79
C VAL A 334 12.69 -19.37 -4.36
N ARG A 335 13.90 -19.60 -4.92
CA ARG A 335 15.11 -18.87 -4.55
C ARG A 335 14.89 -17.37 -4.62
N GLU A 336 14.39 -16.87 -5.76
CA GLU A 336 14.13 -15.46 -5.97
C GLU A 336 13.09 -14.92 -4.96
N ALA A 337 12.00 -15.69 -4.70
CA ALA A 337 10.96 -15.36 -3.72
C ALA A 337 11.54 -15.27 -2.31
N LEU A 338 12.31 -16.31 -1.90
CA LEU A 338 13.00 -16.39 -0.61
C LEU A 338 14.06 -15.30 -0.50
N GLN A 339 14.67 -14.87 -1.63
CA GLN A 339 15.64 -13.78 -1.63
C GLN A 339 14.91 -12.49 -1.30
N ALA A 340 13.82 -12.20 -2.03
CA ALA A 340 12.98 -11.03 -1.85
C ALA A 340 12.41 -10.96 -0.42
N TRP A 341 11.96 -12.10 0.17
CA TRP A 341 11.44 -12.12 1.54
C TRP A 341 12.53 -11.83 2.55
N ALA A 342 13.76 -12.28 2.25
CA ALA A 342 14.92 -12.07 3.11
C ALA A 342 15.30 -10.60 3.10
N ASP A 343 15.12 -9.93 1.94
CA ASP A 343 15.38 -8.50 1.77
C ASP A 343 14.35 -7.70 2.58
N THR A 344 13.08 -8.16 2.57
CA THR A 344 11.96 -7.58 3.34
C THR A 344 12.28 -7.59 4.85
N ALA A 345 12.86 -8.72 5.33
CA ALA A 345 13.24 -8.92 6.73
C ALA A 345 14.41 -8.01 7.14
N THR A 346 15.30 -7.67 6.18
CA THR A 346 16.46 -6.81 6.44
C THR A 346 15.99 -5.38 6.74
N VAL A 347 14.85 -4.99 6.13
CA VAL A 347 14.26 -3.67 6.32
C VAL A 347 13.58 -3.60 7.69
N ILE A 348 12.73 -4.60 8.02
CA ILE A 348 11.97 -4.65 9.28
C ILE A 348 12.87 -4.87 10.49
N GLN A 349 14.15 -5.24 10.28
CA GLN A 349 15.07 -5.53 11.38
C GLN A 349 15.36 -4.29 12.25
N ASP A 350 15.34 -3.09 11.65
CA ASP A 350 15.65 -1.88 12.40
C ASP A 350 14.39 -1.10 12.80
N TYR A 351 13.27 -1.85 12.97
CA TYR A 351 11.95 -1.39 13.43
C TYR A 351 11.61 -2.08 14.74
N ASN A 352 10.70 -1.51 15.53
CA ASN A 352 10.27 -2.15 16.77
C ASN A 352 8.81 -2.52 16.61
N TYR A 353 8.44 -3.74 17.03
CA TYR A 353 7.06 -4.19 16.89
C TYR A 353 6.19 -3.60 17.98
N CYS A 354 5.19 -2.82 17.56
CA CYS A 354 4.19 -2.17 18.41
C CYS A 354 2.81 -2.74 18.06
N ARG A 355 1.87 -2.73 19.03
CA ARG A 355 0.52 -3.28 18.89
C ARG A 355 -0.20 -2.86 17.59
N GLU A 356 -0.05 -1.58 17.16
CA GLU A 356 -0.67 -1.05 15.95
C GLU A 356 0.03 -1.52 14.63
N ASP A 357 1.13 -2.29 14.73
CA ASP A 357 1.84 -2.81 13.55
C ASP A 357 1.33 -4.22 13.15
N GLU A 358 0.12 -4.59 13.64
CA GLU A 358 -0.52 -5.91 13.47
C GLU A 358 -0.63 -6.38 12.01
N GLU A 359 -0.83 -5.47 11.05
CA GLU A 359 -0.95 -5.85 9.63
C GLU A 359 0.33 -6.48 9.06
N ILE A 360 1.51 -5.85 9.30
CA ILE A 360 2.78 -6.37 8.81
C ILE A 360 3.17 -7.65 9.58
N TYR A 361 2.71 -7.79 10.85
CA TYR A 361 2.96 -9.01 11.63
C TYR A 361 2.25 -10.19 10.96
N LYS A 362 0.95 -10.00 10.61
CA LYS A 362 0.12 -11.02 9.96
C LYS A 362 0.73 -11.47 8.62
N GLU A 363 1.38 -10.54 7.90
CA GLU A 363 2.04 -10.77 6.62
C GLU A 363 3.28 -11.66 6.81
N PHE A 364 4.18 -11.31 7.77
CA PHE A 364 5.39 -12.10 8.04
C PHE A 364 5.01 -13.47 8.59
N PHE A 365 3.89 -13.54 9.34
CA PHE A 365 3.36 -14.75 9.93
C PHE A 365 2.93 -15.72 8.85
N GLU A 366 2.17 -15.23 7.84
CA GLU A 366 1.68 -16.08 6.75
C GLU A 366 2.81 -16.61 5.92
N VAL A 367 3.86 -15.82 5.66
CA VAL A 367 5.01 -16.31 4.87
C VAL A 367 5.87 -17.29 5.70
N ALA A 368 6.12 -16.98 6.99
CA ALA A 368 6.93 -17.82 7.84
C ALA A 368 6.28 -19.15 8.21
N ASN A 369 4.95 -19.20 8.30
CA ASN A 369 4.28 -20.41 8.75
C ASN A 369 3.27 -20.99 7.73
N ASP A 370 3.15 -20.41 6.53
CA ASP A 370 2.22 -20.95 5.55
C ASP A 370 2.80 -20.91 4.13
N VAL A 371 3.13 -19.70 3.60
CA VAL A 371 3.62 -19.51 2.22
C VAL A 371 4.97 -20.25 1.98
N ILE A 372 6.06 -19.91 2.74
CA ILE A 372 7.38 -20.56 2.62
C ILE A 372 7.23 -22.08 2.91
N PRO A 373 6.60 -22.52 4.03
CA PRO A 373 6.45 -23.98 4.24
C PRO A 373 5.79 -24.69 3.05
N ASN A 374 4.80 -24.06 2.38
CA ASN A 374 4.14 -24.65 1.22
C ASN A 374 5.09 -24.75 0.03
N LEU A 375 5.90 -23.70 -0.21
CA LEU A 375 6.88 -23.65 -1.32
C LEU A 375 7.93 -24.75 -1.20
N LEU A 376 8.38 -25.03 0.04
CA LEU A 376 9.39 -26.05 0.35
C LEU A 376 8.78 -27.45 0.29
N LYS A 377 7.51 -27.60 0.70
CA LYS A 377 6.77 -28.87 0.64
C LYS A 377 6.57 -29.25 -0.84
N GLU A 378 6.19 -28.27 -1.66
CA GLU A 378 5.99 -28.41 -3.10
C GLU A 378 7.31 -28.77 -3.76
N ALA A 379 8.40 -28.10 -3.33
CA ALA A 379 9.77 -28.31 -3.83
C ALA A 379 10.24 -29.73 -3.55
N ALA A 380 9.92 -30.26 -2.35
CA ALA A 380 10.28 -31.61 -1.90
C ALA A 380 9.63 -32.71 -2.78
N SER A 381 8.36 -32.50 -3.18
CA SER A 381 7.62 -33.44 -4.03
C SER A 381 8.23 -33.52 -5.42
N LEU A 382 8.57 -32.36 -6.01
CA LEU A 382 9.17 -32.26 -7.34
C LEU A 382 10.56 -32.92 -7.43
N LEU A 383 11.26 -33.10 -6.29
CA LEU A 383 12.58 -33.74 -6.22
C LEU A 383 12.50 -35.20 -6.64
N GLU A 384 11.51 -35.93 -6.09
CA GLU A 384 11.26 -37.34 -6.36
C GLU A 384 10.72 -37.50 -7.80
N ALA A 385 11.68 -37.72 -8.76
CA ALA A 385 11.53 -37.89 -10.22
C ALA A 385 11.13 -36.59 -10.92
N SER A 402 15.05 -28.89 -6.48
CA SER A 402 16.36 -28.38 -6.88
C SER A 402 16.80 -27.25 -5.95
N ALA A 403 15.86 -26.33 -5.63
CA ALA A 403 16.06 -25.20 -4.72
C ALA A 403 16.30 -25.69 -3.28
N LEU A 404 16.01 -26.98 -2.99
CA LEU A 404 16.25 -27.59 -1.69
C LEU A 404 17.69 -28.13 -1.61
N GLN A 405 18.43 -28.10 -2.74
CA GLN A 405 19.82 -28.51 -2.88
C GLN A 405 20.75 -27.31 -3.10
N ASP A 406 20.14 -26.09 -3.27
CA ASP A 406 20.85 -24.82 -3.42
C ASP A 406 21.14 -24.25 -2.01
N PRO A 407 22.42 -24.02 -1.65
CA PRO A 407 22.70 -23.51 -0.30
C PRO A 407 22.33 -22.04 -0.11
N GLU A 408 22.23 -21.26 -1.21
CA GLU A 408 21.83 -19.84 -1.19
C GLU A 408 20.41 -19.67 -0.61
N CYS A 409 19.49 -20.62 -0.91
CA CYS A 409 18.12 -20.66 -0.40
C CYS A 409 18.10 -20.79 1.09
N PHE A 410 18.95 -21.68 1.61
CA PHE A 410 19.03 -21.93 3.03
C PHE A 410 19.63 -20.71 3.76
N ALA A 411 20.50 -19.94 3.06
CA ALA A 411 21.09 -18.71 3.60
C ALA A 411 20.01 -17.61 3.66
N HIS A 412 19.23 -17.47 2.56
CA HIS A 412 18.11 -16.56 2.42
C HIS A 412 17.08 -16.81 3.51
N LEU A 413 16.73 -18.10 3.75
CA LEU A 413 15.78 -18.51 4.76
C LEU A 413 16.25 -18.06 6.14
N LEU A 414 17.54 -18.27 6.45
CA LEU A 414 18.14 -17.90 7.73
C LEU A 414 18.25 -16.39 7.89
N ARG A 415 18.43 -15.66 6.77
CA ARG A 415 18.51 -14.20 6.78
C ARG A 415 17.11 -13.63 7.05
N PHE A 416 16.06 -14.34 6.57
CA PHE A 416 14.66 -14.00 6.78
C PHE A 416 14.35 -14.05 8.29
N TYR A 417 14.68 -15.18 8.93
CA TYR A 417 14.48 -15.36 10.36
C TYR A 417 15.41 -14.46 11.19
N ASP A 418 16.53 -13.98 10.60
CA ASP A 418 17.48 -13.07 11.28
C ASP A 418 16.81 -11.71 11.50
N GLY A 419 16.21 -11.18 10.43
CA GLY A 419 15.52 -9.91 10.42
C GLY A 419 14.36 -9.84 11.38
N ILE A 420 13.60 -10.95 11.48
CA ILE A 420 12.42 -11.07 12.35
C ILE A 420 12.87 -11.04 13.81
N CYS A 421 13.95 -11.80 14.16
CA CYS A 421 14.50 -11.85 15.51
C CYS A 421 15.03 -10.48 15.92
N LYS A 422 15.73 -9.78 15.00
CA LYS A 422 16.30 -8.45 15.21
C LYS A 422 15.17 -7.44 15.43
N TRP A 423 14.04 -7.60 14.70
CA TRP A 423 12.83 -6.77 14.79
C TRP A 423 12.29 -6.81 16.22
N GLU A 424 12.12 -8.04 16.76
CA GLU A 424 11.64 -8.36 18.11
C GLU A 424 12.46 -7.63 19.19
N GLU A 425 13.80 -7.49 18.99
CA GLU A 425 14.69 -6.82 19.93
C GLU A 425 14.24 -5.37 20.15
N GLY A 426 14.19 -4.94 21.41
CA GLY A 426 13.77 -3.60 21.80
C GLY A 426 12.27 -3.33 21.73
N SER A 427 11.46 -4.32 21.28
CA SER A 427 10.01 -4.23 21.15
C SER A 427 9.31 -4.52 22.48
N PRO A 428 8.25 -3.74 22.84
CA PRO A 428 7.56 -3.99 24.13
C PRO A 428 6.82 -5.35 24.20
N THR A 429 6.37 -5.86 23.05
CA THR A 429 5.63 -7.13 22.94
C THR A 429 6.43 -8.14 22.13
N PRO A 430 6.38 -9.45 22.47
CA PRO A 430 7.14 -10.44 21.67
C PRO A 430 6.54 -10.67 20.29
N VAL A 431 7.39 -11.09 19.35
CA VAL A 431 7.00 -11.42 17.98
C VAL A 431 6.89 -12.94 17.84
N LEU A 432 8.01 -13.62 18.14
CA LEU A 432 8.14 -15.06 18.00
C LEU A 432 7.59 -15.80 19.19
N HIS A 433 6.71 -16.76 18.90
CA HIS A 433 6.09 -17.66 19.87
C HIS A 433 6.25 -19.09 19.36
N VAL A 434 5.79 -20.09 20.16
CA VAL A 434 5.91 -21.53 19.88
C VAL A 434 5.32 -21.92 18.46
N GLY A 435 4.40 -21.10 17.94
CA GLY A 435 3.79 -21.28 16.64
C GLY A 435 4.76 -21.06 15.48
N TRP A 436 5.69 -20.09 15.65
CA TRP A 436 6.73 -19.78 14.68
C TRP A 436 7.81 -20.85 14.73
N ALA A 437 8.11 -21.33 15.96
CA ALA A 437 9.15 -22.30 16.31
C ALA A 437 9.00 -23.63 15.58
N THR A 438 7.78 -24.19 15.55
CA THR A 438 7.49 -25.47 14.90
C THR A 438 7.83 -25.42 13.40
N PHE A 439 7.47 -24.30 12.72
CA PHE A 439 7.68 -24.13 11.29
C PHE A 439 9.14 -23.81 10.94
N LEU A 440 9.93 -23.34 11.92
CA LEU A 440 11.36 -23.08 11.71
C LEU A 440 12.04 -24.44 11.52
N VAL A 441 11.87 -25.34 12.52
CA VAL A 441 12.41 -26.70 12.53
C VAL A 441 12.00 -27.44 11.25
N GLN A 442 10.69 -27.47 10.93
CA GLN A 442 10.13 -28.10 9.74
C GLN A 442 10.84 -27.61 8.45
N SER A 443 10.98 -26.27 8.29
CA SER A 443 11.61 -25.60 7.16
C SER A 443 13.11 -25.85 7.09
N LEU A 444 13.79 -25.92 8.25
CA LEU A 444 15.23 -26.24 8.33
C LEU A 444 15.43 -27.63 7.74
N GLY A 445 14.61 -28.57 8.23
CA GLY A 445 14.58 -29.97 7.84
C GLY A 445 14.42 -30.25 6.37
N ARG A 446 13.68 -29.39 5.66
CA ARG A 446 13.45 -29.51 4.22
C ARG A 446 14.80 -29.50 3.44
N PHE A 447 15.85 -28.96 4.08
CA PHE A 447 17.22 -28.90 3.56
C PHE A 447 18.10 -29.96 4.23
N GLU A 448 18.83 -30.74 3.43
CA GLU A 448 19.70 -31.78 3.96
C GLU A 448 20.95 -31.14 4.56
N GLY A 449 21.40 -31.69 5.69
CA GLY A 449 22.58 -31.26 6.44
C GLY A 449 23.80 -30.89 5.61
N GLN A 450 24.07 -31.66 4.52
CA GLN A 450 25.17 -31.45 3.57
C GLN A 450 25.06 -30.08 2.89
N VAL A 451 23.82 -29.73 2.50
CA VAL A 451 23.49 -28.46 1.83
C VAL A 451 23.59 -27.32 2.85
N ARG A 452 23.05 -27.54 4.05
CA ARG A 452 23.06 -26.59 5.16
C ARG A 452 24.50 -26.24 5.60
N GLN A 453 25.38 -27.26 5.68
CA GLN A 453 26.79 -27.13 6.06
C GLN A 453 27.60 -26.24 5.11
N LYS A 454 27.21 -26.15 3.80
CA LYS A 454 27.90 -25.32 2.78
C LYS A 454 27.83 -23.81 3.12
N VAL A 455 26.80 -23.38 3.85
CA VAL A 455 26.61 -21.99 4.26
C VAL A 455 27.54 -21.70 5.44
N ARG A 456 28.39 -20.69 5.28
CA ARG A 456 29.34 -20.24 6.30
C ARG A 456 28.75 -19.05 7.08
N ILE A 457 28.45 -19.25 8.39
CA ILE A 457 27.91 -18.21 9.26
C ILE A 457 29.11 -17.58 9.96
N VAL A 458 29.60 -16.48 9.34
CA VAL A 458 30.79 -15.70 9.70
C VAL A 458 30.39 -14.35 10.30
N SER A 459 30.99 -13.96 11.43
CA SER A 459 30.74 -12.66 12.07
C SER A 459 31.60 -11.53 11.44
N GLY A 460 32.57 -11.93 10.62
CA GLY A 460 33.53 -11.05 9.97
C GLY A 460 34.88 -11.22 10.63
N THR A 461 35.97 -10.97 9.89
CA THR A 461 37.32 -11.14 10.45
C THR A 461 38.08 -9.79 10.50
N VAL A 462 38.05 -8.99 9.41
CA VAL A 462 38.71 -7.68 9.41
C VAL A 462 37.74 -6.62 8.87
N ALA A 463 37.62 -5.49 9.60
CA ALA A 463 36.75 -4.39 9.23
C ALA A 463 37.34 -3.55 8.09
N GLY A 464 36.58 -3.44 7.01
CA GLY A 464 36.93 -2.67 5.83
C GLY A 464 38.03 -3.25 4.97
N THR A 465 38.42 -2.49 3.94
CA THR A 465 39.48 -2.87 3.00
C THR A 465 40.61 -1.84 3.00
N ALA A 466 41.84 -2.27 2.64
CA ALA A 466 43.03 -1.45 2.57
C ALA A 466 43.46 -1.18 1.11
N ARG A 467 44.24 -0.09 0.86
CA ARG A 467 44.76 0.30 -0.46
C ARG A 467 46.29 0.30 -0.48
N GLY A 488 31.13 -21.33 -1.64
CA GLY A 488 30.03 -21.44 -0.68
C GLY A 488 29.44 -20.11 -0.24
N PRO A 489 28.14 -20.06 0.16
CA PRO A 489 27.56 -18.79 0.61
C PRO A 489 28.05 -18.36 1.99
N VAL A 490 28.24 -17.04 2.16
CA VAL A 490 28.68 -16.40 3.41
C VAL A 490 27.50 -15.61 3.99
N LEU A 491 27.27 -15.70 5.30
CA LEU A 491 26.17 -15.01 5.96
C LEU A 491 26.60 -14.52 7.35
N THR A 492 26.14 -13.31 7.73
CA THR A 492 26.41 -12.69 9.04
C THR A 492 25.08 -12.40 9.75
N PHE A 493 24.97 -12.82 11.03
CA PHE A 493 23.76 -12.58 11.80
C PHE A 493 23.85 -11.26 12.54
N GLN A 494 22.73 -10.51 12.56
CA GLN A 494 22.61 -9.22 13.23
C GLN A 494 21.88 -9.40 14.53
N SER A 495 21.05 -10.45 14.63
CA SER A 495 20.26 -10.71 15.83
C SER A 495 20.98 -11.64 16.78
N GLU A 496 20.81 -11.40 18.10
CA GLU A 496 21.36 -12.22 19.18
C GLU A 496 20.86 -13.65 19.10
N LYS A 497 19.52 -13.84 18.96
CA LYS A 497 18.88 -15.14 18.90
C LYS A 497 19.50 -16.03 17.82
N MET A 498 19.58 -15.54 16.58
CA MET A 498 20.15 -16.29 15.47
C MET A 498 21.64 -16.58 15.70
N LYS A 499 22.39 -15.60 16.28
CA LYS A 499 23.80 -15.74 16.59
C LYS A 499 24.02 -16.92 17.54
N GLY A 500 23.22 -16.98 18.61
CA GLY A 500 23.25 -18.03 19.63
C GLY A 500 22.94 -19.42 19.13
N MET A 501 22.29 -19.53 17.96
CA MET A 501 21.88 -20.78 17.33
C MET A 501 22.72 -21.19 16.14
N LYS A 502 23.66 -20.33 15.66
CA LYS A 502 24.44 -20.54 14.44
C LYS A 502 24.94 -21.99 14.26
N GLU A 503 25.45 -22.60 15.34
CA GLU A 503 25.97 -23.97 15.32
C GLU A 503 24.81 -25.02 15.20
N LEU A 504 23.66 -24.77 15.87
CA LEU A 504 22.49 -25.67 15.86
C LEU A 504 21.83 -25.79 14.49
N LEU A 505 21.70 -24.67 13.76
CA LEU A 505 21.05 -24.57 12.45
C LEU A 505 21.81 -25.28 11.36
N VAL A 506 23.11 -25.46 11.56
CA VAL A 506 24.00 -26.03 10.57
C VAL A 506 24.35 -27.51 10.87
N ALA A 507 23.98 -28.00 12.07
CA ALA A 507 24.21 -29.39 12.52
C ALA A 507 23.46 -30.40 11.63
N THR A 508 24.02 -31.64 11.46
CA THR A 508 23.43 -32.74 10.67
CA THR A 508 23.42 -32.70 10.64
C THR A 508 22.09 -33.15 11.28
N LYS A 509 22.03 -33.21 12.62
CA LYS A 509 20.84 -33.56 13.42
C LYS A 509 20.30 -32.27 14.05
N ILE A 510 19.00 -32.00 13.91
CA ILE A 510 18.36 -30.79 14.41
C ILE A 510 17.82 -31.03 15.84
N ASN A 511 18.29 -30.23 16.82
CA ASN A 511 17.77 -30.34 18.19
C ASN A 511 16.58 -29.39 18.33
N SER A 512 15.38 -29.93 18.04
CA SER A 512 14.10 -29.23 18.09
C SER A 512 13.92 -28.55 19.45
N SER A 513 14.25 -29.26 20.56
CA SER A 513 14.21 -28.74 21.93
C SER A 513 14.91 -27.36 22.02
N ALA A 514 16.23 -27.32 21.71
CA ALA A 514 17.09 -26.13 21.77
C ALA A 514 16.64 -25.03 20.80
N ILE A 515 16.45 -25.38 19.50
CA ILE A 515 16.06 -24.45 18.45
C ILE A 515 14.72 -23.76 18.82
N LYS A 516 13.71 -24.53 19.27
CA LYS A 516 12.42 -23.96 19.67
C LYS A 516 12.59 -23.06 20.90
N LEU A 517 13.31 -23.55 21.92
CA LEU A 517 13.58 -22.83 23.18
C LEU A 517 14.34 -21.50 22.96
N GLN A 518 15.31 -21.49 22.02
CA GLN A 518 16.12 -20.30 21.78
C GLN A 518 15.38 -19.24 20.95
N LEU A 519 14.54 -19.68 19.98
CA LEU A 519 13.76 -18.76 19.14
C LEU A 519 12.65 -18.05 19.93
N THR A 520 12.10 -18.72 20.95
CA THR A 520 10.98 -18.23 21.77
C THR A 520 11.40 -17.48 23.05
N ALA A 521 12.70 -17.52 23.43
CA ALA A 521 13.24 -16.88 24.63
C ALA A 521 13.19 -15.35 24.53
#